data_3OOK
#
_entry.id   3OOK
#
_cell.length_a   72.477
_cell.length_b   83.288
_cell.length_c   190.007
_cell.angle_alpha   90.00
_cell.angle_beta   90.00
_cell.angle_gamma   90.00
#
_symmetry.space_group_name_H-M   'C 2 2 21'
#
loop_
_entity.id
_entity.type
_entity.pdbx_description
1 polymer 'Bile acid receptor'
2 polymer 'peptide of Nuclear receptor coactivator 1'
3 non-polymer '4-({(2S)-2-[2-(4-chlorophenyl)-5,6-difluoro-1H-benzimidazol-1-yl]-2-cyclohexylacetyl}amino)-3,5-difluorobenzoic acid'
4 water water
#
loop_
_entity_poly.entity_id
_entity_poly.type
_entity_poly.pdbx_seq_one_letter_code
_entity_poly.pdbx_strand_id
1 'polypeptide(L)'
;GSHMELTPDQQTLLHFIMDSYNKQRMPQEITNKILKEAFSAEENFLILTEMATNHVQVLVEFTKKLPGFQTLDHEDQIAL
LKGSAVEAMFLRSAEIFNKKLPSGHSDLLEARIRNSGISDEYITPMFSFYKSIGELKMTQEEYALLTAIVILSPDRQYIK
DREAVEKLQEPLLDVLQKLCKIHQPENPQHFACLLGRLTELRTFNHHHAEMLMSWRVNDHKFTPLLCEIWDVQ
;
A,C
2 'polypeptide(L)' KDHQLLRYLLDKDE B,D
#
# COMPACT_ATOMS: atom_id res chain seq x y z
N MET A 4 18.88 -2.01 -48.23
CA MET A 4 17.86 -2.13 -47.18
C MET A 4 18.31 -1.52 -45.83
N GLU A 5 19.63 -1.24 -45.68
CA GLU A 5 20.21 -0.64 -44.48
C GLU A 5 20.01 0.88 -44.48
N LEU A 6 20.22 1.55 -43.32
CA LEU A 6 20.02 2.99 -43.20
C LEU A 6 20.89 3.79 -44.16
N THR A 7 20.25 4.66 -44.95
CA THR A 7 20.92 5.52 -45.91
C THR A 7 21.74 6.59 -45.13
N PRO A 8 22.63 7.41 -45.79
CA PRO A 8 23.38 8.41 -45.00
C PRO A 8 22.44 9.41 -44.34
N ASP A 9 21.36 9.80 -45.04
CA ASP A 9 20.32 10.72 -44.58
C ASP A 9 19.56 10.16 -43.37
N GLN A 10 19.31 8.85 -43.36
CA GLN A 10 18.60 8.17 -42.28
C GLN A 10 19.49 8.02 -41.06
N GLN A 11 20.78 7.82 -41.27
CA GLN A 11 21.75 7.74 -40.19
C GLN A 11 21.88 9.10 -39.50
N THR A 12 21.77 10.17 -40.30
CA THR A 12 21.84 11.58 -39.92
C THR A 12 20.59 11.95 -39.14
N LEU A 13 19.39 11.70 -39.72
CA LEU A 13 18.09 11.92 -39.09
C LEU A 13 18.08 11.27 -37.68
N LEU A 14 18.49 9.99 -37.62
CA LEU A 14 18.57 9.22 -36.39
C LEU A 14 19.45 9.84 -35.31
N HIS A 15 20.72 10.17 -35.67
CA HIS A 15 21.69 10.76 -34.73
C HIS A 15 21.23 12.09 -34.21
N PHE A 16 20.64 12.91 -35.08
CA PHE A 16 20.10 14.19 -34.71
C PHE A 16 18.93 14.01 -33.70
N ILE A 17 18.03 13.04 -33.98
CA ILE A 17 16.87 12.77 -33.12
C ILE A 17 17.32 12.26 -31.76
N MET A 18 18.30 11.35 -31.76
CA MET A 18 18.88 10.76 -30.57
C MET A 18 19.61 11.76 -29.68
N ASP A 19 20.27 12.77 -30.27
CA ASP A 19 21.00 13.77 -29.48
C ASP A 19 20.03 14.73 -28.82
N SER A 20 18.99 15.16 -29.56
CA SER A 20 17.93 16.07 -29.08
C SER A 20 17.11 15.38 -28.01
N TYR A 21 16.89 14.04 -28.16
CA TYR A 21 16.16 13.21 -27.21
C TYR A 21 17.01 12.97 -25.97
N ASN A 22 18.36 12.96 -26.13
CA ASN A 22 19.31 12.79 -25.03
C ASN A 22 19.39 14.01 -24.11
N LYS A 23 18.88 15.19 -24.58
CA LYS A 23 18.80 16.40 -23.76
C LYS A 23 17.78 16.21 -22.58
N GLN A 24 17.26 15.00 -22.44
CA GLN A 24 16.25 14.59 -21.48
C GLN A 24 16.73 14.52 -20.04
N ARG A 25 15.77 14.65 -19.08
CA ARG A 25 16.03 14.50 -17.65
C ARG A 25 16.53 13.07 -17.39
N MET A 26 17.59 12.94 -16.55
CA MET A 26 18.22 11.66 -16.19
C MET A 26 17.20 10.71 -15.55
N PRO A 27 16.99 9.48 -16.09
CA PRO A 27 15.98 8.57 -15.51
C PRO A 27 16.26 8.12 -14.08
N GLN A 28 17.55 8.05 -13.70
CA GLN A 28 18.02 7.63 -12.37
C GLN A 28 17.42 8.56 -11.31
N GLU A 29 17.54 9.89 -11.52
CA GLU A 29 17.01 10.97 -10.67
C GLU A 29 15.59 10.61 -10.17
N ILE A 30 14.70 10.36 -11.15
CA ILE A 30 13.30 10.01 -11.04
C ILE A 30 13.07 8.76 -10.19
N THR A 31 13.65 7.60 -10.62
CA THR A 31 13.51 6.31 -9.96
C THR A 31 14.12 6.17 -8.58
N ASN A 32 15.26 6.84 -8.33
CA ASN A 32 15.91 6.84 -7.02
C ASN A 32 14.95 7.50 -6.05
N LYS A 33 14.48 8.73 -6.37
CA LYS A 33 13.56 9.54 -5.59
C LYS A 33 12.32 8.74 -5.16
N ILE A 34 11.67 8.03 -6.12
CA ILE A 34 10.51 7.19 -5.88
C ILE A 34 10.87 6.00 -4.99
N LEU A 35 12.02 5.33 -5.27
CA LEU A 35 12.47 4.16 -4.50
C LEU A 35 13.05 4.47 -3.12
N LYS A 36 13.60 5.70 -2.92
CA LYS A 36 14.24 6.22 -1.71
C LYS A 36 13.34 6.06 -0.47
N GLU A 37 12.16 6.71 -0.48
CA GLU A 37 11.19 6.62 0.61
C GLU A 37 9.76 6.62 0.06
N ALA A 38 8.78 6.20 0.87
CA ALA A 38 7.37 6.20 0.48
C ALA A 38 6.79 7.57 0.87
N PHE A 39 6.58 8.44 -0.13
CA PHE A 39 6.03 9.77 0.07
C PHE A 39 4.52 9.71 0.19
N SER A 40 3.91 10.77 0.72
CA SER A 40 2.46 10.87 0.83
C SER A 40 1.89 11.21 -0.56
N ALA A 41 0.57 11.03 -0.74
CA ALA A 41 -0.17 11.35 -1.96
C ALA A 41 0.03 12.82 -2.35
N GLU A 42 0.12 13.68 -1.33
CA GLU A 42 0.35 15.12 -1.42
C GLU A 42 1.77 15.45 -1.93
N GLU A 43 2.79 14.73 -1.41
CA GLU A 43 4.17 14.96 -1.85
C GLU A 43 4.35 14.42 -3.27
N ASN A 44 3.65 13.33 -3.59
CA ASN A 44 3.69 12.71 -4.89
C ASN A 44 2.98 13.53 -5.93
N PHE A 45 1.92 14.24 -5.55
CA PHE A 45 1.19 15.10 -6.49
C PHE A 45 2.09 16.25 -6.92
N LEU A 46 2.81 16.84 -5.95
CA LEU A 46 3.77 17.93 -6.15
C LEU A 46 4.95 17.47 -7.03
N ILE A 47 5.49 16.27 -6.78
CA ILE A 47 6.56 15.68 -7.59
C ILE A 47 6.04 15.52 -9.02
N LEU A 48 4.83 14.99 -9.16
CA LEU A 48 4.21 14.83 -10.48
C LEU A 48 4.08 16.15 -11.21
N THR A 49 3.56 17.20 -10.54
CA THR A 49 3.37 18.50 -11.19
C THR A 49 4.67 19.16 -11.64
N GLU A 50 5.75 18.96 -10.89
CA GLU A 50 7.07 19.50 -11.21
C GLU A 50 7.71 18.67 -12.33
N MET A 51 7.60 17.35 -12.26
CA MET A 51 8.17 16.47 -13.27
C MET A 51 7.45 16.72 -14.61
N ALA A 52 6.11 16.87 -14.57
CA ALA A 52 5.25 17.09 -15.75
C ALA A 52 5.44 18.49 -16.37
N THR A 53 5.69 19.53 -15.55
CA THR A 53 5.95 20.88 -16.08
C THR A 53 7.31 20.87 -16.79
N ASN A 54 8.33 20.24 -16.15
CA ASN A 54 9.67 20.18 -16.74
C ASN A 54 9.61 19.37 -18.02
N HIS A 55 8.76 18.30 -18.05
CA HIS A 55 8.62 17.44 -19.22
C HIS A 55 8.13 18.22 -20.40
N VAL A 56 7.10 19.08 -20.22
CA VAL A 56 6.53 19.92 -21.29
C VAL A 56 7.64 20.82 -21.85
N GLN A 57 8.45 21.42 -20.94
CA GLN A 57 9.53 22.32 -21.30
C GLN A 57 10.52 21.66 -22.21
N VAL A 58 10.94 20.43 -21.85
CA VAL A 58 11.89 19.60 -22.60
C VAL A 58 11.23 19.15 -23.92
N LEU A 59 9.91 18.85 -23.89
CA LEU A 59 9.19 18.41 -25.09
C LEU A 59 9.12 19.50 -26.16
N VAL A 60 8.84 20.75 -25.77
CA VAL A 60 8.79 21.90 -26.69
C VAL A 60 10.17 22.04 -27.39
N GLU A 61 11.29 21.94 -26.63
CA GLU A 61 12.65 22.04 -27.17
C GLU A 61 12.97 20.93 -28.16
N PHE A 62 12.63 19.67 -27.82
CA PHE A 62 12.82 18.51 -28.70
C PHE A 62 11.95 18.69 -29.97
N THR A 63 10.73 19.17 -29.83
CA THR A 63 9.78 19.41 -30.91
C THR A 63 10.24 20.47 -31.93
N LYS A 64 10.70 21.64 -31.44
CA LYS A 64 11.20 22.73 -32.28
C LYS A 64 12.41 22.27 -33.12
N LYS A 65 13.14 21.26 -32.63
CA LYS A 65 14.30 20.68 -33.29
C LYS A 65 13.93 19.58 -34.30
N LEU A 66 12.66 19.16 -34.35
CA LEU A 66 12.26 18.09 -35.26
C LEU A 66 12.33 18.60 -36.69
N PRO A 67 13.10 17.92 -37.59
CA PRO A 67 13.24 18.44 -38.97
C PRO A 67 11.94 18.88 -39.63
N GLY A 68 11.88 20.16 -39.92
CA GLY A 68 10.76 20.77 -40.63
C GLY A 68 9.66 21.34 -39.76
N PHE A 69 9.67 21.03 -38.44
CA PHE A 69 8.64 21.50 -37.51
C PHE A 69 8.47 23.04 -37.53
N GLN A 70 9.59 23.76 -37.56
CA GLN A 70 9.61 25.22 -37.60
C GLN A 70 8.89 25.80 -38.82
N THR A 71 8.94 25.09 -39.99
CA THR A 71 8.30 25.50 -41.26
C THR A 71 6.77 25.36 -41.25
N LEU A 72 6.20 24.61 -40.28
CA LEU A 72 4.74 24.41 -40.19
C LEU A 72 4.02 25.66 -39.74
N ASP A 73 2.72 25.73 -40.07
CA ASP A 73 1.80 26.80 -39.68
C ASP A 73 1.87 26.89 -38.16
N HIS A 74 1.95 28.12 -37.63
CA HIS A 74 2.07 28.38 -36.18
C HIS A 74 0.97 27.76 -35.33
N GLU A 75 -0.29 27.80 -35.81
CA GLU A 75 -1.44 27.20 -35.09
C GLU A 75 -1.41 25.69 -35.09
N ASP A 76 -0.91 25.08 -36.16
CA ASP A 76 -0.77 23.62 -36.28
C ASP A 76 0.32 23.17 -35.32
N GLN A 77 1.40 23.98 -35.21
CA GLN A 77 2.50 23.78 -34.28
C GLN A 77 1.97 23.64 -32.85
N ILE A 78 1.02 24.53 -32.45
CA ILE A 78 0.37 24.52 -31.12
C ILE A 78 -0.52 23.27 -30.94
N ALA A 79 -1.35 22.95 -31.96
CA ALA A 79 -2.27 21.81 -31.88
C ALA A 79 -1.53 20.43 -31.84
N LEU A 80 -0.38 20.32 -32.55
CA LEU A 80 0.49 19.14 -32.54
C LEU A 80 1.11 18.90 -31.14
N LEU A 81 1.66 19.96 -30.53
CA LEU A 81 2.26 19.95 -29.20
C LEU A 81 1.22 19.72 -28.11
N LYS A 82 0.12 20.42 -28.20
CA LYS A 82 -0.97 20.24 -27.25
C LYS A 82 -1.59 18.83 -27.39
N GLY A 83 -1.72 18.37 -28.64
CA GLY A 83 -2.28 17.05 -28.93
C GLY A 83 -1.42 15.87 -28.52
N SER A 84 -0.10 16.07 -28.32
CA SER A 84 0.83 14.95 -28.04
C SER A 84 1.51 14.97 -26.69
N ALA A 85 1.51 16.14 -26.01
CA ALA A 85 2.21 16.34 -24.75
C ALA A 85 1.96 15.30 -23.67
N VAL A 86 0.69 14.92 -23.47
CA VAL A 86 0.28 13.94 -22.44
C VAL A 86 0.76 12.56 -22.84
N GLU A 87 0.61 12.20 -24.14
CA GLU A 87 1.04 10.92 -24.70
C GLU A 87 2.52 10.74 -24.52
N ALA A 88 3.30 11.79 -24.87
CA ALA A 88 4.77 11.80 -24.78
C ALA A 88 5.22 11.62 -23.35
N MET A 89 4.49 12.22 -22.41
CA MET A 89 4.80 12.08 -20.99
C MET A 89 4.59 10.63 -20.56
N PHE A 90 3.46 10.01 -20.99
CA PHE A 90 3.17 8.59 -20.71
C PHE A 90 4.16 7.68 -21.40
N LEU A 91 4.64 8.05 -22.61
CA LEU A 91 5.64 7.24 -23.32
C LEU A 91 6.98 7.32 -22.57
N ARG A 92 7.38 8.52 -22.14
CA ARG A 92 8.59 8.72 -21.34
C ARG A 92 8.46 7.98 -20.00
N SER A 93 7.29 8.04 -19.34
CA SER A 93 7.04 7.32 -18.07
C SER A 93 7.20 5.82 -18.32
N ALA A 94 6.67 5.30 -19.46
CA ALA A 94 6.76 3.90 -19.90
C ALA A 94 8.20 3.47 -20.09
N GLU A 95 9.02 4.33 -20.74
CA GLU A 95 10.43 4.08 -20.94
C GLU A 95 11.12 3.89 -19.59
N ILE A 96 11.04 4.93 -18.71
CA ILE A 96 11.65 4.92 -17.39
C ILE A 96 11.18 3.75 -16.54
N PHE A 97 9.94 3.30 -16.70
CA PHE A 97 9.40 2.18 -15.96
C PHE A 97 10.17 0.89 -16.31
N ASN A 98 10.52 0.72 -17.60
CA ASN A 98 11.22 -0.48 -18.09
C ASN A 98 12.73 -0.36 -18.14
N LYS A 99 13.26 0.71 -17.56
CA LYS A 99 14.69 0.91 -17.46
C LYS A 99 15.18 -0.11 -16.42
N LYS A 100 16.21 -0.89 -16.75
CA LYS A 100 16.74 -1.94 -15.86
C LYS A 100 17.23 -1.41 -14.52
N LEU A 101 16.76 -2.05 -13.45
CA LEU A 101 17.09 -1.71 -12.06
C LEU A 101 17.48 -3.00 -11.31
N PRO A 102 18.11 -2.93 -10.09
CA PRO A 102 18.41 -4.18 -9.36
C PRO A 102 17.17 -5.01 -9.01
N SER A 103 17.37 -6.29 -8.63
CA SER A 103 16.30 -7.22 -8.24
C SER A 103 15.30 -6.57 -7.25
N GLY A 104 14.00 -6.76 -7.52
CA GLY A 104 12.91 -6.25 -6.68
C GLY A 104 12.61 -4.76 -6.75
N HIS A 105 13.55 -3.94 -7.29
CA HIS A 105 13.43 -2.48 -7.43
C HIS A 105 12.27 -2.09 -8.33
N SER A 106 12.14 -2.75 -9.50
CA SER A 106 11.06 -2.50 -10.47
C SER A 106 9.69 -2.80 -9.86
N ASP A 107 9.64 -3.84 -9.01
CA ASP A 107 8.44 -4.25 -8.27
C ASP A 107 8.09 -3.20 -7.22
N LEU A 108 9.12 -2.58 -6.59
CA LEU A 108 8.97 -1.57 -5.56
C LEU A 108 8.53 -0.26 -6.19
N LEU A 109 9.21 0.15 -7.28
CA LEU A 109 8.88 1.32 -8.09
C LEU A 109 7.40 1.21 -8.50
N GLU A 110 6.96 0.02 -8.95
CA GLU A 110 5.58 -0.25 -9.34
C GLU A 110 4.60 -0.04 -8.18
N ALA A 111 4.92 -0.60 -6.98
CA ALA A 111 4.13 -0.51 -5.74
C ALA A 111 4.06 0.92 -5.24
N ARG A 112 5.17 1.66 -5.33
CA ARG A 112 5.21 3.07 -4.95
C ARG A 112 4.35 3.93 -5.89
N ILE A 113 4.38 3.64 -7.22
CA ILE A 113 3.56 4.37 -8.18
C ILE A 113 2.10 4.00 -7.94
N ARG A 114 1.85 2.70 -7.68
CA ARG A 114 0.53 2.14 -7.38
C ARG A 114 -0.12 2.87 -6.18
N ASN A 115 0.67 3.20 -5.14
CA ASN A 115 0.21 3.89 -3.93
C ASN A 115 0.65 5.36 -3.86
N SER A 116 0.84 6.00 -5.04
CA SER A 116 1.26 7.39 -5.16
C SER A 116 0.15 8.41 -4.88
N GLY A 117 -1.11 8.04 -5.09
CA GLY A 117 -2.24 8.94 -4.91
C GLY A 117 -3.17 8.95 -6.11
N ILE A 118 -2.73 8.37 -7.22
CA ILE A 118 -3.53 8.22 -8.45
C ILE A 118 -4.79 7.37 -8.11
N SER A 119 -5.95 7.72 -8.70
CA SER A 119 -7.21 7.00 -8.49
C SER A 119 -7.08 5.58 -9.06
N ASP A 120 -7.72 4.59 -8.38
CA ASP A 120 -7.71 3.16 -8.73
C ASP A 120 -8.10 2.88 -10.19
N GLU A 121 -9.07 3.67 -10.70
CA GLU A 121 -9.62 3.60 -12.05
C GLU A 121 -8.59 3.84 -13.18
N TYR A 122 -7.45 4.47 -12.86
CA TYR A 122 -6.39 4.76 -13.84
C TYR A 122 -5.21 3.83 -13.74
N ILE A 123 -5.00 3.22 -12.57
CA ILE A 123 -3.93 2.30 -12.23
C ILE A 123 -3.75 1.15 -13.23
N THR A 124 -4.76 0.28 -13.38
CA THR A 124 -4.67 -0.88 -14.29
C THR A 124 -4.33 -0.54 -15.76
N PRO A 125 -5.05 0.38 -16.47
CA PRO A 125 -4.69 0.66 -17.88
C PRO A 125 -3.29 1.23 -18.07
N MET A 126 -2.85 2.06 -17.11
CA MET A 126 -1.54 2.70 -17.08
C MET A 126 -0.40 1.67 -16.97
N PHE A 127 -0.51 0.72 -16.02
CA PHE A 127 0.50 -0.31 -15.84
C PHE A 127 0.53 -1.33 -16.93
N SER A 128 -0.61 -1.62 -17.55
CA SER A 128 -0.65 -2.59 -18.65
C SER A 128 0.02 -2.03 -19.88
N PHE A 129 -0.11 -0.70 -20.10
CA PHE A 129 0.60 -0.03 -21.19
C PHE A 129 2.10 -0.05 -20.93
N TYR A 130 2.50 0.16 -19.66
CA TYR A 130 3.90 0.17 -19.27
C TYR A 130 4.54 -1.20 -19.51
N LYS A 131 3.76 -2.27 -19.21
CA LYS A 131 4.18 -3.65 -19.37
C LYS A 131 4.26 -4.07 -20.81
N SER A 132 3.31 -3.61 -21.65
CA SER A 132 3.26 -3.87 -23.10
C SER A 132 4.47 -3.24 -23.82
N ILE A 133 4.89 -2.02 -23.39
CA ILE A 133 6.07 -1.33 -23.89
C ILE A 133 7.30 -2.16 -23.51
N GLY A 134 7.29 -2.70 -22.29
CA GLY A 134 8.35 -3.56 -21.77
C GLY A 134 8.52 -4.86 -22.53
N GLU A 135 7.39 -5.53 -22.88
CA GLU A 135 7.36 -6.80 -23.64
C GLU A 135 8.02 -6.62 -25.04
N LEU A 136 8.12 -5.36 -25.53
CA LEU A 136 8.73 -5.00 -26.80
C LEU A 136 10.23 -4.74 -26.69
N LYS A 137 10.77 -4.69 -25.45
CA LYS A 137 12.18 -4.43 -25.14
C LYS A 137 12.78 -3.44 -26.15
N MET A 138 12.13 -2.26 -26.22
CA MET A 138 12.42 -1.13 -27.09
C MET A 138 13.79 -0.54 -26.78
N THR A 139 14.50 -0.11 -27.82
CA THR A 139 15.81 0.51 -27.68
C THR A 139 15.59 2.01 -27.45
N GLN A 140 16.66 2.71 -27.03
CA GLN A 140 16.63 4.17 -26.84
C GLN A 140 16.27 4.95 -28.13
N GLU A 141 16.70 4.45 -29.31
CA GLU A 141 16.40 5.09 -30.59
C GLU A 141 14.97 4.88 -31.00
N GLU A 142 14.35 3.78 -30.51
CA GLU A 142 12.93 3.50 -30.72
C GLU A 142 12.06 4.46 -29.94
N TYR A 143 12.38 4.71 -28.66
CA TYR A 143 11.67 5.66 -27.81
C TYR A 143 11.78 7.08 -28.36
N ALA A 144 12.96 7.43 -28.88
CA ALA A 144 13.28 8.73 -29.46
C ALA A 144 12.48 8.94 -30.76
N LEU A 145 12.50 7.97 -31.67
CA LEU A 145 11.71 8.03 -32.91
C LEU A 145 10.20 7.98 -32.68
N LEU A 146 9.74 7.08 -31.79
CA LEU A 146 8.33 6.97 -31.42
C LEU A 146 7.81 8.27 -30.82
N THR A 147 8.65 9.00 -30.06
CA THR A 147 8.26 10.29 -29.48
C THR A 147 8.08 11.29 -30.59
N ALA A 148 9.05 11.34 -31.52
CA ALA A 148 9.00 12.23 -32.67
C ALA A 148 7.75 11.93 -33.55
N ILE A 149 7.44 10.64 -33.77
CA ILE A 149 6.27 10.20 -34.57
C ILE A 149 4.94 10.59 -33.87
N VAL A 150 4.91 10.49 -32.54
CA VAL A 150 3.77 10.85 -31.70
C VAL A 150 3.48 12.35 -31.81
N ILE A 151 4.54 13.18 -31.75
CA ILE A 151 4.44 14.63 -31.86
C ILE A 151 3.98 15.01 -33.26
N LEU A 152 4.58 14.37 -34.28
CA LEU A 152 4.27 14.64 -35.66
C LEU A 152 3.09 13.80 -36.23
N SER A 153 2.06 13.55 -35.41
CA SER A 153 0.86 12.81 -35.84
C SER A 153 -0.14 13.74 -36.55
N PRO A 154 -0.39 13.51 -37.87
CA PRO A 154 -1.38 14.35 -38.59
C PRO A 154 -2.85 14.05 -38.29
N ASP A 155 -3.17 12.81 -37.90
CA ASP A 155 -4.55 12.36 -37.60
C ASP A 155 -4.96 12.88 -36.21
N ARG A 156 -4.68 14.15 -35.97
CA ARG A 156 -4.92 14.84 -34.71
C ARG A 156 -6.02 15.88 -34.93
N GLN A 157 -6.93 16.01 -33.95
CA GLN A 157 -8.01 16.99 -33.96
C GLN A 157 -7.38 18.41 -33.99
N TYR A 158 -7.96 19.31 -34.83
CA TYR A 158 -7.58 20.72 -35.04
C TYR A 158 -6.39 20.97 -35.98
N ILE A 159 -5.86 19.90 -36.62
CA ILE A 159 -4.79 20.09 -37.59
C ILE A 159 -5.41 20.52 -38.91
N LYS A 160 -5.07 21.73 -39.35
CA LYS A 160 -5.56 22.32 -40.59
C LYS A 160 -4.86 21.66 -41.79
N ASP A 161 -3.53 21.78 -41.88
CA ASP A 161 -2.72 21.20 -42.95
C ASP A 161 -2.04 19.84 -42.53
N ARG A 162 -2.84 18.75 -42.61
CA ARG A 162 -2.42 17.37 -42.29
C ARG A 162 -1.33 16.84 -43.21
N GLU A 163 -1.39 17.20 -44.50
CA GLU A 163 -0.44 16.76 -45.50
C GLU A 163 0.99 17.23 -45.16
N ALA A 164 1.14 18.49 -44.70
CA ALA A 164 2.41 19.08 -44.27
C ALA A 164 3.04 18.27 -43.11
N VAL A 165 2.20 17.81 -42.16
CA VAL A 165 2.56 16.98 -41.01
C VAL A 165 2.94 15.58 -41.49
N GLU A 166 2.17 15.04 -42.46
CA GLU A 166 2.46 13.72 -43.08
C GLU A 166 3.87 13.73 -43.65
N LYS A 167 4.24 14.80 -44.38
CA LYS A 167 5.57 14.96 -44.98
C LYS A 167 6.70 14.84 -43.97
N LEU A 168 6.48 15.29 -42.72
CA LEU A 168 7.51 15.26 -41.66
C LEU A 168 7.54 13.97 -40.87
N GLN A 169 6.37 13.32 -40.71
CA GLN A 169 6.25 12.07 -39.96
C GLN A 169 6.79 10.89 -40.73
N GLU A 170 6.54 10.85 -42.08
CA GLU A 170 7.01 9.77 -42.97
C GLU A 170 8.51 9.41 -42.91
N PRO A 171 9.48 10.35 -42.97
CA PRO A 171 10.90 9.95 -42.88
C PRO A 171 11.26 9.31 -41.54
N LEU A 172 10.53 9.64 -40.48
CA LEU A 172 10.76 9.08 -39.14
C LEU A 172 10.18 7.68 -39.08
N LEU A 173 9.00 7.48 -39.71
CA LEU A 173 8.35 6.18 -39.84
C LEU A 173 9.23 5.22 -40.63
N ASP A 174 9.81 5.71 -41.75
CA ASP A 174 10.74 4.97 -42.60
C ASP A 174 12.00 4.56 -41.86
N VAL A 175 12.64 5.49 -41.14
CA VAL A 175 13.82 5.21 -40.29
C VAL A 175 13.47 4.14 -39.24
N LEU A 176 12.36 4.32 -38.51
CA LEU A 176 11.93 3.37 -37.49
C LEU A 176 11.74 1.97 -38.08
N GLN A 177 11.03 1.85 -39.20
CA GLN A 177 10.80 0.58 -39.89
C GLN A 177 12.13 -0.14 -40.21
N LYS A 178 13.06 0.59 -40.86
CA LYS A 178 14.39 0.07 -41.21
C LYS A 178 15.12 -0.44 -39.98
N LEU A 179 15.13 0.32 -38.86
CA LEU A 179 15.75 -0.10 -37.60
C LEU A 179 15.13 -1.38 -37.05
N CYS A 180 13.80 -1.55 -37.20
CA CYS A 180 13.05 -2.71 -36.72
C CYS A 180 13.34 -3.98 -37.54
N LYS A 181 13.84 -3.79 -38.77
CA LYS A 181 14.18 -4.85 -39.73
C LYS A 181 15.67 -5.20 -39.69
N ILE A 182 16.54 -4.18 -39.48
CA ILE A 182 17.99 -4.37 -39.39
C ILE A 182 18.36 -4.91 -37.99
N HIS A 183 17.86 -4.26 -36.91
CA HIS A 183 18.21 -4.62 -35.54
C HIS A 183 17.36 -5.69 -34.82
N GLN A 184 16.23 -6.09 -35.42
CA GLN A 184 15.38 -7.13 -34.84
C GLN A 184 14.81 -8.06 -35.94
N PRO A 185 15.66 -8.75 -36.75
CA PRO A 185 15.10 -9.59 -37.81
C PRO A 185 14.35 -10.83 -37.34
N GLU A 186 14.48 -11.19 -36.04
CA GLU A 186 13.77 -12.30 -35.38
C GLU A 186 12.27 -12.00 -35.24
N ASN A 187 11.91 -10.71 -35.09
CA ASN A 187 10.51 -10.29 -35.04
C ASN A 187 10.23 -9.34 -36.19
N PRO A 188 9.69 -9.88 -37.31
CA PRO A 188 9.37 -9.02 -38.46
C PRO A 188 8.14 -8.13 -38.18
N GLN A 189 7.33 -8.48 -37.16
CA GLN A 189 6.16 -7.71 -36.74
C GLN A 189 6.51 -6.51 -35.80
N HIS A 190 7.78 -6.39 -35.34
CA HIS A 190 8.23 -5.35 -34.40
C HIS A 190 7.77 -3.92 -34.75
N PHE A 191 7.92 -3.49 -36.03
CA PHE A 191 7.49 -2.15 -36.42
C PHE A 191 5.99 -1.93 -36.26
N ALA A 192 5.20 -2.93 -36.66
CA ALA A 192 3.75 -2.93 -36.58
C ALA A 192 3.31 -2.85 -35.11
N CYS A 193 4.00 -3.62 -34.23
CA CYS A 193 3.76 -3.66 -32.79
C CYS A 193 4.05 -2.31 -32.12
N LEU A 194 5.11 -1.59 -32.58
CA LEU A 194 5.41 -0.26 -32.06
C LEU A 194 4.28 0.72 -32.45
N LEU A 195 3.79 0.65 -33.72
CA LEU A 195 2.65 1.44 -34.22
C LEU A 195 1.37 1.12 -33.46
N GLY A 196 1.32 -0.10 -32.92
CA GLY A 196 0.21 -0.61 -32.11
C GLY A 196 0.14 0.07 -30.77
N ARG A 197 1.30 0.23 -30.12
CA ARG A 197 1.43 0.91 -28.82
C ARG A 197 0.98 2.35 -28.91
N LEU A 198 1.22 3.00 -30.08
CA LEU A 198 0.86 4.39 -30.34
C LEU A 198 -0.60 4.66 -30.32
N THR A 199 -1.40 3.72 -30.81
CA THR A 199 -2.87 3.80 -30.81
C THR A 199 -3.41 3.67 -29.37
N GLU A 200 -2.76 2.82 -28.56
CA GLU A 200 -3.11 2.59 -27.16
C GLU A 200 -2.69 3.80 -26.31
N LEU A 201 -1.56 4.51 -26.68
CA LEU A 201 -1.13 5.75 -26.02
C LEU A 201 -2.28 6.78 -26.06
N ARG A 202 -3.01 6.84 -27.19
CA ARG A 202 -4.12 7.75 -27.36
C ARG A 202 -5.24 7.59 -26.32
N THR A 203 -5.37 6.38 -25.73
CA THR A 203 -6.39 6.10 -24.70
C THR A 203 -6.23 6.93 -23.40
N PHE A 204 -5.01 7.40 -23.08
CA PHE A 204 -4.72 8.23 -21.91
C PHE A 204 -5.17 9.69 -22.05
N ASN A 205 -5.56 10.12 -23.26
CA ASN A 205 -6.02 11.49 -23.48
C ASN A 205 -7.45 11.70 -23.07
N HIS A 206 -8.28 10.64 -23.14
CA HIS A 206 -9.70 10.73 -22.83
C HIS A 206 -9.98 11.27 -21.44
N HIS A 207 -9.25 10.77 -20.42
CA HIS A 207 -9.44 11.22 -19.04
C HIS A 207 -8.16 11.76 -18.37
N HIS A 208 -7.27 12.47 -19.13
CA HIS A 208 -6.02 13.04 -18.60
C HIS A 208 -6.20 14.07 -17.47
N ALA A 209 -7.14 15.04 -17.65
CA ALA A 209 -7.49 16.06 -16.65
C ALA A 209 -8.07 15.37 -15.39
N GLU A 210 -8.92 14.35 -15.58
CA GLU A 210 -9.50 13.56 -14.47
C GLU A 210 -8.43 12.76 -13.70
N MET A 211 -7.33 12.37 -14.37
CA MET A 211 -6.22 11.66 -13.72
C MET A 211 -5.59 12.57 -12.68
N LEU A 212 -5.46 13.85 -13.04
CA LEU A 212 -4.91 14.85 -12.14
C LEU A 212 -5.95 15.27 -11.11
N MET A 213 -7.21 15.56 -11.53
CA MET A 213 -8.29 16.00 -10.63
C MET A 213 -8.73 14.95 -9.61
N SER A 214 -8.60 13.66 -9.92
CA SER A 214 -8.98 12.61 -8.98
C SER A 214 -7.84 12.19 -8.04
N TRP A 215 -6.63 12.81 -8.19
CA TRP A 215 -5.49 12.52 -7.33
C TRP A 215 -5.95 12.73 -5.89
N ARG A 216 -5.70 11.73 -5.03
CA ARG A 216 -6.17 11.68 -3.63
C ARG A 216 -5.47 12.65 -2.70
N VAL A 217 -5.69 13.93 -2.98
CA VAL A 217 -5.18 15.11 -2.28
C VAL A 217 -6.39 16.07 -2.15
N ASN A 218 -6.40 16.92 -1.11
CA ASN A 218 -7.48 17.86 -0.79
C ASN A 218 -7.50 19.07 -1.73
N ASP A 219 -6.32 19.46 -2.25
CA ASP A 219 -6.15 20.58 -3.16
C ASP A 219 -5.27 20.18 -4.36
N HIS A 220 -5.71 20.59 -5.56
CA HIS A 220 -5.05 20.30 -6.83
C HIS A 220 -4.53 21.57 -7.47
N LYS A 221 -3.32 21.97 -7.07
CA LYS A 221 -2.65 23.14 -7.60
C LYS A 221 -1.74 22.74 -8.77
N PHE A 222 -1.80 23.50 -9.88
CA PHE A 222 -0.98 23.28 -11.07
C PHE A 222 -0.25 24.54 -11.45
N THR A 223 0.80 24.38 -12.25
CA THR A 223 1.59 25.47 -12.78
C THR A 223 0.83 26.05 -13.98
N PRO A 224 1.04 27.33 -14.36
CA PRO A 224 0.33 27.88 -15.54
C PRO A 224 0.58 27.10 -16.85
N LEU A 225 1.81 26.61 -17.04
CA LEU A 225 2.16 25.82 -18.22
C LEU A 225 1.38 24.49 -18.22
N LEU A 226 1.33 23.78 -17.08
CA LEU A 226 0.58 22.52 -16.95
C LEU A 226 -0.89 22.73 -17.25
N CYS A 227 -1.49 23.84 -16.73
CA CYS A 227 -2.89 24.21 -16.97
C CYS A 227 -3.18 24.29 -18.46
N GLU A 228 -2.24 24.83 -19.25
CA GLU A 228 -2.35 24.97 -20.72
C GLU A 228 -2.27 23.65 -21.46
N ILE A 229 -1.41 22.74 -21.00
CA ILE A 229 -1.22 21.45 -21.65
C ILE A 229 -2.22 20.40 -21.23
N TRP A 230 -2.52 20.33 -19.92
CA TRP A 230 -3.46 19.39 -19.35
C TRP A 230 -4.77 20.12 -19.28
N ASP A 231 -5.89 19.46 -19.29
CA ASP A 231 -7.00 20.41 -19.33
C ASP A 231 -7.58 20.72 -17.96
N VAL A 232 -6.71 21.32 -17.14
CA VAL A 232 -6.87 21.59 -15.71
C VAL A 232 -7.00 23.05 -15.31
N GLN A 233 -7.73 23.29 -14.17
CA GLN A 233 -8.04 24.57 -13.52
C GLN A 233 -8.64 25.60 -14.45
N ASP B 2 -5.88 30.38 -24.61
CA ASP B 2 -5.38 30.66 -25.96
C ASP B 2 -3.96 30.09 -26.20
N HIS B 3 -3.39 29.35 -25.21
CA HIS B 3 -2.07 28.70 -25.24
C HIS B 3 -0.92 29.71 -25.32
N GLN B 4 -1.04 30.81 -24.56
CA GLN B 4 -0.05 31.89 -24.53
C GLN B 4 1.35 31.43 -24.15
N LEU B 5 1.46 30.55 -23.14
CA LEU B 5 2.76 30.07 -22.71
C LEU B 5 3.40 29.18 -23.73
N LEU B 6 2.60 28.28 -24.31
CA LEU B 6 3.04 27.32 -25.33
C LEU B 6 3.49 28.07 -26.58
N ARG B 7 2.70 29.10 -27.00
CA ARG B 7 3.00 29.97 -28.12
C ARG B 7 4.34 30.69 -27.86
N TYR B 8 4.57 31.14 -26.62
CA TYR B 8 5.82 31.82 -26.29
C TYR B 8 7.03 30.89 -26.41
N LEU B 9 6.91 29.67 -25.84
CA LEU B 9 7.97 28.66 -25.87
C LEU B 9 8.36 28.22 -27.29
N LEU B 10 7.40 28.28 -28.23
CA LEU B 10 7.57 27.96 -29.64
C LEU B 10 8.17 29.12 -30.44
N ASP B 11 7.68 30.35 -30.20
CA ASP B 11 8.08 31.59 -30.89
C ASP B 11 9.34 32.29 -30.38
N LYS B 12 9.90 31.85 -29.23
CA LYS B 12 11.14 32.44 -28.70
C LYS B 12 12.39 32.05 -29.54
N ASP B 13 13.58 32.60 -29.20
CA ASP B 13 14.88 32.34 -29.86
C ASP B 13 14.96 32.89 -31.30
N MET C 4 -7.37 0.88 -0.06
CA MET C 4 -8.63 1.61 -0.09
C MET C 4 -8.94 2.20 1.30
N GLU C 5 -9.29 3.50 1.33
CA GLU C 5 -9.59 4.30 2.53
C GLU C 5 -10.87 3.86 3.24
N LEU C 6 -10.94 4.13 4.55
CA LEU C 6 -12.09 3.84 5.40
C LEU C 6 -13.24 4.81 5.10
N THR C 7 -14.48 4.33 5.21
CA THR C 7 -15.64 5.16 5.00
C THR C 7 -15.88 5.88 6.35
N PRO C 8 -16.48 7.10 6.37
CA PRO C 8 -16.71 7.79 7.66
C PRO C 8 -17.40 6.93 8.73
N ASP C 9 -18.13 5.88 8.30
CA ASP C 9 -18.85 4.91 9.16
C ASP C 9 -17.84 3.99 9.87
N GLN C 10 -16.84 3.50 9.09
CA GLN C 10 -15.77 2.61 9.56
C GLN C 10 -14.84 3.38 10.49
N GLN C 11 -14.62 4.67 10.18
CA GLN C 11 -13.84 5.59 11.01
C GLN C 11 -14.54 5.73 12.40
N THR C 12 -15.87 5.90 12.40
CA THR C 12 -16.71 6.02 13.59
C THR C 12 -16.65 4.73 14.42
N LEU C 13 -16.70 3.58 13.72
CA LEU C 13 -16.62 2.24 14.31
C LEU C 13 -15.22 2.05 14.95
N LEU C 14 -14.16 2.43 14.23
CA LEU C 14 -12.78 2.37 14.66
C LEU C 14 -12.52 3.17 15.94
N HIS C 15 -13.00 4.43 16.01
CA HIS C 15 -12.82 5.28 17.21
C HIS C 15 -13.54 4.70 18.40
N PHE C 16 -14.72 4.15 18.17
CA PHE C 16 -15.55 3.50 19.16
C PHE C 16 -14.87 2.27 19.73
N ILE C 17 -14.19 1.45 18.86
CA ILE C 17 -13.44 0.25 19.24
C ILE C 17 -12.21 0.72 20.06
N MET C 18 -11.57 1.82 19.62
CA MET C 18 -10.42 2.39 20.32
C MET C 18 -10.73 2.86 21.72
N ASP C 19 -11.82 3.64 21.88
CA ASP C 19 -12.27 4.11 23.19
C ASP C 19 -12.56 2.95 24.13
N SER C 20 -13.19 1.87 23.63
CA SER C 20 -13.49 0.67 24.41
C SER C 20 -12.20 -0.06 24.81
N TYR C 21 -11.24 -0.13 23.86
CA TYR C 21 -9.96 -0.80 24.04
C TYR C 21 -9.05 -0.02 24.99
N ASN C 22 -9.15 1.32 25.00
CA ASN C 22 -8.36 2.21 25.87
C ASN C 22 -8.73 2.10 27.37
N LYS C 23 -9.92 1.56 27.69
CA LYS C 23 -10.40 1.35 29.06
C LYS C 23 -9.56 0.30 29.85
N GLN C 24 -8.57 -0.32 29.18
CA GLN C 24 -7.66 -1.34 29.73
C GLN C 24 -6.65 -0.80 30.71
N ARG C 25 -5.98 -1.73 31.46
CA ARG C 25 -4.90 -1.43 32.41
C ARG C 25 -3.69 -0.91 31.62
N MET C 26 -3.12 0.24 32.04
CA MET C 26 -1.96 0.87 31.42
C MET C 26 -0.75 -0.08 31.33
N PRO C 27 -0.09 -0.20 30.14
CA PRO C 27 1.06 -1.11 30.00
C PRO C 27 2.22 -0.87 30.97
N GLN C 28 2.40 0.41 31.41
CA GLN C 28 3.45 0.78 32.38
C GLN C 28 3.25 0.11 33.73
N GLU C 29 2.00 0.09 34.26
CA GLU C 29 1.63 -0.55 35.55
C GLU C 29 2.13 -1.99 35.63
N ILE C 30 2.07 -2.69 34.49
CA ILE C 30 2.44 -4.08 34.27
C ILE C 30 3.97 -4.23 34.23
N THR C 31 4.63 -3.54 33.28
CA THR C 31 6.08 -3.61 33.10
C THR C 31 6.87 -3.07 34.29
N ASN C 32 6.49 -1.86 34.81
CA ASN C 32 7.17 -1.23 35.94
C ASN C 32 7.31 -2.16 37.13
N LYS C 33 6.20 -2.82 37.52
CA LYS C 33 6.11 -3.77 38.62
C LYS C 33 7.06 -4.96 38.40
N ILE C 34 7.07 -5.52 37.16
CA ILE C 34 7.91 -6.64 36.76
C ILE C 34 9.40 -6.22 36.85
N LEU C 35 9.71 -5.00 36.38
CA LEU C 35 11.07 -4.45 36.34
C LEU C 35 11.64 -3.96 37.66
N LYS C 36 10.79 -3.41 38.55
CA LYS C 36 11.17 -2.85 39.85
C LYS C 36 11.80 -3.88 40.79
N GLU C 37 11.19 -5.07 40.89
CA GLU C 37 11.65 -6.12 41.79
C GLU C 37 11.65 -7.48 41.13
N ALA C 38 12.55 -8.35 41.61
CA ALA C 38 12.60 -9.76 41.24
C ALA C 38 11.63 -10.40 42.24
N PHE C 39 10.69 -11.19 41.75
CA PHE C 39 9.70 -11.82 42.62
C PHE C 39 9.86 -13.33 42.61
N SER C 40 9.27 -14.02 43.61
CA SER C 40 9.29 -15.49 43.67
C SER C 40 8.20 -16.01 42.71
N ALA C 41 8.16 -17.34 42.44
CA ALA C 41 7.13 -17.93 41.58
C ALA C 41 5.75 -17.76 42.22
N GLU C 42 5.64 -17.80 43.57
CA GLU C 42 4.39 -17.65 44.33
C GLU C 42 3.90 -16.20 44.28
N GLU C 43 4.84 -15.24 44.21
CA GLU C 43 4.54 -13.81 44.13
C GLU C 43 4.01 -13.52 42.76
N ASN C 44 4.68 -14.06 41.72
CA ASN C 44 4.34 -13.93 40.32
C ASN C 44 3.03 -14.63 39.98
N PHE C 45 2.75 -15.79 40.58
CA PHE C 45 1.49 -16.50 40.34
C PHE C 45 0.30 -15.68 40.84
N LEU C 46 0.48 -14.93 41.93
CA LEU C 46 -0.53 -14.04 42.48
C LEU C 46 -0.70 -12.83 41.57
N ILE C 47 0.40 -12.26 41.07
CA ILE C 47 0.38 -11.13 40.13
C ILE C 47 -0.34 -11.53 38.82
N LEU C 48 -0.08 -12.75 38.31
CA LEU C 48 -0.74 -13.26 37.12
C LEU C 48 -2.27 -13.37 37.35
N THR C 49 -2.71 -14.01 38.45
CA THR C 49 -4.15 -14.17 38.70
C THR C 49 -4.88 -12.82 38.89
N GLU C 50 -4.24 -11.83 39.50
CA GLU C 50 -4.85 -10.51 39.67
C GLU C 50 -4.92 -9.78 38.30
N MET C 51 -3.83 -9.85 37.54
CA MET C 51 -3.77 -9.22 36.22
C MET C 51 -4.81 -9.89 35.32
N ALA C 52 -4.88 -11.23 35.35
CA ALA C 52 -5.79 -11.98 34.50
C ALA C 52 -7.26 -11.79 34.90
N THR C 53 -7.53 -11.64 36.22
CA THR C 53 -8.88 -11.38 36.76
C THR C 53 -9.36 -10.02 36.25
N ASN C 54 -8.54 -8.98 36.45
CA ASN C 54 -8.85 -7.63 35.99
C ASN C 54 -9.07 -7.63 34.45
N HIS C 55 -8.23 -8.41 33.71
CA HIS C 55 -8.28 -8.50 32.25
C HIS C 55 -9.57 -9.07 31.78
N VAL C 56 -10.09 -10.11 32.43
CA VAL C 56 -11.39 -10.69 32.07
C VAL C 56 -12.50 -9.61 32.22
N GLN C 57 -12.56 -8.90 33.38
CA GLN C 57 -13.58 -7.85 33.59
C GLN C 57 -13.53 -6.79 32.45
N VAL C 58 -12.32 -6.39 32.05
CA VAL C 58 -12.10 -5.43 30.98
C VAL C 58 -12.43 -6.07 29.61
N LEU C 59 -12.20 -7.39 29.49
CA LEU C 59 -12.47 -8.12 28.26
C LEU C 59 -13.97 -8.20 28.03
N VAL C 60 -14.74 -8.54 29.08
CA VAL C 60 -16.21 -8.66 29.05
C VAL C 60 -16.86 -7.31 28.72
N GLU C 61 -16.33 -6.19 29.28
CA GLU C 61 -16.80 -4.83 28.97
C GLU C 61 -16.49 -4.43 27.52
N PHE C 62 -15.32 -4.78 26.99
CA PHE C 62 -14.96 -4.46 25.60
C PHE C 62 -15.87 -5.24 24.64
N THR C 63 -16.14 -6.50 24.96
CA THR C 63 -16.98 -7.44 24.22
C THR C 63 -18.43 -6.92 24.03
N LYS C 64 -19.06 -6.48 25.13
CA LYS C 64 -20.42 -5.91 25.22
C LYS C 64 -20.60 -4.71 24.27
N LYS C 65 -19.55 -3.90 24.13
CA LYS C 65 -19.54 -2.73 23.27
C LYS C 65 -19.32 -3.11 21.80
N LEU C 66 -18.90 -4.35 21.53
CA LEU C 66 -18.69 -4.75 20.15
C LEU C 66 -20.05 -4.72 19.43
N PRO C 67 -20.12 -4.03 18.27
CA PRO C 67 -21.40 -3.89 17.56
C PRO C 67 -22.16 -5.18 17.30
N GLY C 68 -23.37 -5.19 17.85
CA GLY C 68 -24.32 -6.30 17.74
C GLY C 68 -24.10 -7.47 18.66
N PHE C 69 -23.02 -7.47 19.47
CA PHE C 69 -22.73 -8.57 20.38
C PHE C 69 -23.90 -8.87 21.34
N GLN C 70 -24.54 -7.81 21.89
CA GLN C 70 -25.64 -7.94 22.83
C GLN C 70 -26.92 -8.57 22.24
N THR C 71 -27.04 -8.55 20.89
CA THR C 71 -28.17 -9.13 20.14
C THR C 71 -28.03 -10.65 19.95
N LEU C 72 -26.82 -11.19 20.18
CA LEU C 72 -26.50 -12.62 20.05
C LEU C 72 -27.17 -13.47 21.11
N ASP C 73 -27.34 -14.76 20.81
CA ASP C 73 -27.88 -15.78 21.69
C ASP C 73 -26.98 -15.81 22.96
N HIS C 74 -27.61 -15.89 24.13
CA HIS C 74 -26.96 -15.85 25.44
C HIS C 74 -25.89 -16.88 25.72
N GLU C 75 -26.14 -18.15 25.38
CA GLU C 75 -25.12 -19.18 25.58
C GLU C 75 -23.98 -19.10 24.57
N ASP C 76 -24.23 -18.44 23.42
CA ASP C 76 -23.25 -18.22 22.35
C ASP C 76 -22.32 -17.11 22.79
N GLN C 77 -22.87 -16.10 23.48
CA GLN C 77 -22.12 -14.99 24.07
C GLN C 77 -21.10 -15.53 25.06
N ILE C 78 -21.52 -16.48 25.92
CA ILE C 78 -20.67 -17.16 26.92
C ILE C 78 -19.57 -17.93 26.20
N ALA C 79 -19.96 -18.81 25.22
CA ALA C 79 -19.06 -19.61 24.40
C ALA C 79 -17.98 -18.74 23.73
N LEU C 80 -18.31 -17.50 23.30
CA LEU C 80 -17.38 -16.54 22.68
C LEU C 80 -16.39 -16.01 23.69
N LEU C 81 -16.86 -15.66 24.90
CA LEU C 81 -16.01 -15.15 25.97
C LEU C 81 -15.07 -16.20 26.47
N LYS C 82 -15.61 -17.43 26.65
CA LYS C 82 -14.82 -18.61 27.06
C LYS C 82 -13.81 -19.00 26.00
N GLY C 83 -14.22 -18.92 24.74
CA GLY C 83 -13.37 -19.29 23.60
C GLY C 83 -12.21 -18.34 23.34
N SER C 84 -12.34 -17.07 23.78
CA SER C 84 -11.34 -16.03 23.47
C SER C 84 -10.48 -15.45 24.58
N ALA C 85 -10.93 -15.53 25.85
CA ALA C 85 -10.26 -14.97 27.03
C ALA C 85 -8.74 -15.13 27.10
N VAL C 86 -8.26 -16.37 27.14
CA VAL C 86 -6.83 -16.74 27.18
C VAL C 86 -6.12 -16.16 25.96
N GLU C 87 -6.69 -16.37 24.80
CA GLU C 87 -6.15 -15.87 23.54
C GLU C 87 -6.00 -14.38 23.61
N ALA C 88 -7.05 -13.66 24.04
CA ALA C 88 -7.05 -12.20 24.19
C ALA C 88 -5.99 -11.78 25.19
N MET C 89 -5.85 -12.55 26.27
CA MET C 89 -4.87 -12.30 27.32
C MET C 89 -3.44 -12.43 26.75
N PHE C 90 -3.17 -13.47 25.93
CA PHE C 90 -1.86 -13.65 25.30
C PHE C 90 -1.59 -12.60 24.23
N LEU C 91 -2.63 -12.26 23.44
CA LEU C 91 -2.53 -11.20 22.45
C LEU C 91 -2.14 -9.91 23.17
N ARG C 92 -2.81 -9.60 24.31
CA ARG C 92 -2.55 -8.43 25.17
C ARG C 92 -1.14 -8.44 25.78
N SER C 93 -0.70 -9.59 26.32
CA SER C 93 0.67 -9.76 26.89
C SER C 93 1.74 -9.53 25.80
N ALA C 94 1.50 -10.01 24.56
CA ALA C 94 2.37 -9.82 23.40
C ALA C 94 2.50 -8.33 23.01
N GLU C 95 1.36 -7.60 23.07
CA GLU C 95 1.29 -6.16 22.82
C GLU C 95 2.21 -5.43 23.82
N ILE C 96 2.07 -5.75 25.12
CA ILE C 96 2.87 -5.17 26.20
C ILE C 96 4.35 -5.50 26.05
N PHE C 97 4.67 -6.78 25.76
CA PHE C 97 6.03 -7.27 25.53
C PHE C 97 6.76 -6.48 24.43
N ASN C 98 6.02 -6.03 23.39
CA ASN C 98 6.54 -5.32 22.22
C ASN C 98 6.51 -3.79 22.28
N LYS C 99 6.03 -3.20 23.39
CA LYS C 99 6.04 -1.73 23.59
C LYS C 99 7.49 -1.30 23.83
N LYS C 100 7.98 -0.29 23.07
CA LYS C 100 9.35 0.23 23.15
C LYS C 100 9.71 0.67 24.58
N LEU C 101 10.80 0.12 25.12
CA LEU C 101 11.22 0.43 26.50
C LEU C 101 12.63 1.06 26.51
N PRO C 102 13.07 1.79 27.58
CA PRO C 102 14.46 2.31 27.60
C PRO C 102 15.47 1.16 27.45
N SER C 103 16.68 1.46 26.91
CA SER C 103 17.74 0.47 26.65
C SER C 103 18.01 -0.48 27.82
N GLY C 104 17.92 -1.79 27.53
CA GLY C 104 18.12 -2.87 28.49
C GLY C 104 16.87 -3.33 29.23
N HIS C 105 15.84 -2.46 29.32
CA HIS C 105 14.59 -2.76 30.00
C HIS C 105 13.84 -3.98 29.45
N SER C 106 13.70 -4.09 28.11
CA SER C 106 13.04 -5.22 27.43
C SER C 106 13.80 -6.54 27.62
N ASP C 107 15.12 -6.46 27.79
CA ASP C 107 16.00 -7.61 28.02
C ASP C 107 15.80 -8.08 29.46
N LEU C 108 15.62 -7.15 30.40
CA LEU C 108 15.33 -7.49 31.80
C LEU C 108 13.92 -8.08 31.95
N LEU C 109 12.93 -7.43 31.31
CA LEU C 109 11.52 -7.86 31.27
C LEU C 109 11.41 -9.32 30.79
N GLU C 110 12.13 -9.67 29.72
CA GLU C 110 12.14 -11.03 29.17
C GLU C 110 12.76 -12.05 30.18
N ALA C 111 13.89 -11.66 30.83
CA ALA C 111 14.59 -12.49 31.83
C ALA C 111 13.72 -12.69 33.08
N ARG C 112 13.04 -11.62 33.50
CA ARG C 112 12.13 -11.65 34.64
C ARG C 112 10.94 -12.58 34.35
N ILE C 113 10.38 -12.51 33.12
CA ILE C 113 9.27 -13.37 32.70
C ILE C 113 9.76 -14.79 32.52
N ARG C 114 11.01 -14.98 32.07
CA ARG C 114 11.61 -16.31 31.94
C ARG C 114 11.67 -17.00 33.31
N ASN C 115 11.91 -16.21 34.38
CA ASN C 115 12.03 -16.68 35.77
C ASN C 115 10.78 -16.47 36.63
N SER C 116 9.62 -16.31 35.97
CA SER C 116 8.33 -16.06 36.63
C SER C 116 7.73 -17.27 37.36
N GLY C 117 8.17 -18.47 37.02
CA GLY C 117 7.62 -19.69 37.62
C GLY C 117 6.98 -20.61 36.60
N ILE C 118 6.74 -20.13 35.39
CA ILE C 118 6.18 -20.96 34.31
C ILE C 118 7.26 -21.93 33.83
N SER C 119 6.86 -23.18 33.50
CA SER C 119 7.76 -24.22 32.99
C SER C 119 8.41 -23.77 31.69
N ASP C 120 9.73 -24.00 31.53
CA ASP C 120 10.50 -23.56 30.36
C ASP C 120 9.98 -24.07 29.01
N GLU C 121 9.26 -25.21 29.00
CA GLU C 121 8.71 -25.71 27.74
C GLU C 121 7.71 -24.72 27.11
N TYR C 122 6.98 -23.97 27.96
CA TYR C 122 5.99 -22.99 27.53
C TYR C 122 6.62 -21.64 27.23
N ILE C 123 7.78 -21.36 27.84
CA ILE C 123 8.57 -20.13 27.68
C ILE C 123 8.98 -19.91 26.22
N THR C 124 9.51 -20.95 25.56
CA THR C 124 9.97 -20.97 24.17
C THR C 124 8.84 -20.62 23.14
N PRO C 125 7.69 -21.35 23.06
CA PRO C 125 6.65 -20.95 22.10
C PRO C 125 6.02 -19.59 22.39
N MET C 126 5.96 -19.22 23.68
CA MET C 126 5.42 -17.97 24.19
C MET C 126 6.19 -16.78 23.63
N PHE C 127 7.53 -16.77 23.81
CA PHE C 127 8.40 -15.69 23.30
C PHE C 127 8.52 -15.71 21.79
N SER C 128 8.31 -16.89 21.19
CA SER C 128 8.32 -17.07 19.73
C SER C 128 7.07 -16.36 19.16
N PHE C 129 5.95 -16.43 19.89
CA PHE C 129 4.72 -15.78 19.45
C PHE C 129 4.82 -14.29 19.69
N TYR C 130 5.32 -13.86 20.90
CA TYR C 130 5.53 -12.46 21.27
C TYR C 130 6.45 -11.77 20.27
N LYS C 131 7.50 -12.48 19.78
CA LYS C 131 8.47 -12.02 18.78
C LYS C 131 7.82 -11.88 17.39
N SER C 132 6.97 -12.86 17.00
CA SER C 132 6.26 -12.86 15.71
C SER C 132 5.23 -11.70 15.64
N ILE C 133 4.62 -11.37 16.79
CA ILE C 133 3.67 -10.27 16.93
C ILE C 133 4.43 -8.93 16.74
N GLY C 134 5.60 -8.82 17.36
CA GLY C 134 6.49 -7.67 17.27
C GLY C 134 6.91 -7.38 15.84
N GLU C 135 7.20 -8.44 15.07
CA GLU C 135 7.59 -8.40 13.66
C GLU C 135 6.54 -7.72 12.81
N LEU C 136 5.25 -7.94 13.13
CA LEU C 136 4.14 -7.34 12.42
C LEU C 136 4.07 -5.82 12.56
N LYS C 137 4.77 -5.23 13.57
CA LYS C 137 4.81 -3.80 13.84
C LYS C 137 3.39 -3.18 13.83
N MET C 138 2.49 -3.84 14.58
CA MET C 138 1.08 -3.47 14.73
C MET C 138 0.89 -2.16 15.48
N THR C 139 -0.05 -1.36 14.99
CA THR C 139 -0.49 -0.12 15.61
C THR C 139 -1.53 -0.53 16.66
N GLN C 140 -1.88 0.37 17.55
CA GLN C 140 -2.87 0.14 18.58
C GLN C 140 -4.20 -0.34 18.01
N GLU C 141 -4.65 0.30 16.92
CA GLU C 141 -5.90 0.01 16.24
C GLU C 141 -5.96 -1.42 15.72
N GLU C 142 -4.81 -1.94 15.26
CA GLU C 142 -4.65 -3.31 14.77
C GLU C 142 -4.79 -4.28 15.89
N TYR C 143 -4.21 -3.95 17.05
CA TYR C 143 -4.36 -4.73 18.29
C TYR C 143 -5.83 -4.74 18.72
N ALA C 144 -6.50 -3.59 18.72
CA ALA C 144 -7.91 -3.47 19.12
C ALA C 144 -8.81 -4.29 18.24
N LEU C 145 -8.61 -4.20 16.91
CA LEU C 145 -9.38 -4.91 15.90
C LEU C 145 -9.08 -6.40 15.89
N LEU C 146 -7.80 -6.78 15.97
CA LEU C 146 -7.45 -8.20 16.03
C LEU C 146 -8.05 -8.86 17.28
N THR C 147 -8.11 -8.13 18.40
CA THR C 147 -8.73 -8.59 19.65
C THR C 147 -10.22 -8.80 19.42
N ALA C 148 -10.89 -7.82 18.75
CA ALA C 148 -12.31 -7.89 18.44
C ALA C 148 -12.62 -9.12 17.55
N ILE C 149 -11.82 -9.28 16.46
CA ILE C 149 -11.85 -10.40 15.51
C ILE C 149 -11.70 -11.74 16.24
N VAL C 150 -10.76 -11.79 17.20
CA VAL C 150 -10.51 -12.98 18.02
C VAL C 150 -11.74 -13.33 18.87
N ILE C 151 -12.36 -12.31 19.50
CA ILE C 151 -13.54 -12.48 20.34
C ILE C 151 -14.72 -12.99 19.51
N LEU C 152 -14.92 -12.42 18.34
CA LEU C 152 -16.02 -12.78 17.46
C LEU C 152 -15.61 -13.86 16.46
N SER C 153 -15.04 -14.97 16.95
CA SER C 153 -14.65 -16.10 16.13
C SER C 153 -15.82 -17.05 15.94
N PRO C 154 -16.25 -17.26 14.68
CA PRO C 154 -17.40 -18.14 14.42
C PRO C 154 -17.24 -19.61 14.78
N ASP C 155 -16.00 -20.12 14.80
CA ASP C 155 -15.70 -21.55 15.03
C ASP C 155 -15.41 -21.99 16.46
N ARG C 156 -15.95 -21.26 17.46
CA ARG C 156 -15.72 -21.61 18.86
C ARG C 156 -16.59 -22.77 19.26
N GLN C 157 -16.06 -23.62 20.16
CA GLN C 157 -16.76 -24.76 20.73
C GLN C 157 -18.10 -24.28 21.34
N TYR C 158 -19.18 -25.02 21.04
CA TYR C 158 -20.56 -24.82 21.48
C TYR C 158 -21.39 -23.78 20.71
N ILE C 159 -20.80 -23.02 19.76
CA ILE C 159 -21.53 -22.01 18.98
C ILE C 159 -22.72 -22.59 18.19
N LYS C 160 -23.95 -22.23 18.63
CA LYS C 160 -25.22 -22.67 18.06
C LYS C 160 -25.48 -22.02 16.70
N ASP C 161 -25.43 -20.67 16.66
CA ASP C 161 -25.61 -19.90 15.43
C ASP C 161 -24.26 -19.30 15.01
N ARG C 162 -23.58 -19.94 14.07
CA ARG C 162 -22.29 -19.52 13.53
C ARG C 162 -22.40 -18.28 12.65
N GLU C 163 -23.42 -18.25 11.76
CA GLU C 163 -23.68 -17.15 10.81
C GLU C 163 -23.83 -15.80 11.51
N ALA C 164 -24.52 -15.77 12.68
CA ALA C 164 -24.72 -14.56 13.46
C ALA C 164 -23.38 -13.93 13.88
N VAL C 165 -22.42 -14.77 14.35
CA VAL C 165 -21.08 -14.38 14.80
C VAL C 165 -20.27 -13.85 13.62
N GLU C 166 -20.29 -14.59 12.50
CA GLU C 166 -19.58 -14.26 11.26
C GLU C 166 -19.98 -12.89 10.70
N LYS C 167 -21.29 -12.56 10.76
CA LYS C 167 -21.85 -11.29 10.29
C LYS C 167 -21.35 -10.13 11.15
N LEU C 168 -21.16 -10.37 12.45
CA LEU C 168 -20.62 -9.33 13.34
C LEU C 168 -19.10 -9.13 13.15
N GLN C 169 -18.37 -10.24 12.85
CA GLN C 169 -16.93 -10.24 12.62
C GLN C 169 -16.50 -9.56 11.32
N GLU C 170 -17.28 -9.76 10.23
CA GLU C 170 -16.96 -9.19 8.89
C GLU C 170 -16.70 -7.70 8.83
N PRO C 171 -17.57 -6.79 9.34
CA PRO C 171 -17.22 -5.35 9.27
C PRO C 171 -15.89 -5.05 9.98
N LEU C 172 -15.55 -5.84 11.00
CA LEU C 172 -14.28 -5.69 11.73
C LEU C 172 -13.09 -6.19 10.92
N LEU C 173 -13.29 -7.30 10.16
CA LEU C 173 -12.29 -7.86 9.24
C LEU C 173 -11.97 -6.85 8.11
N ASP C 174 -13.02 -6.26 7.48
CA ASP C 174 -12.90 -5.24 6.42
C ASP C 174 -12.16 -4.01 6.92
N VAL C 175 -12.46 -3.54 8.15
CA VAL C 175 -11.73 -2.40 8.73
C VAL C 175 -10.24 -2.77 8.93
N LEU C 176 -9.97 -3.93 9.56
CA LEU C 176 -8.55 -4.34 9.74
C LEU C 176 -7.84 -4.46 8.39
N GLN C 177 -8.50 -5.05 7.38
CA GLN C 177 -7.92 -5.21 6.04
C GLN C 177 -7.48 -3.84 5.48
N LYS C 178 -8.41 -2.83 5.53
CA LYS C 178 -8.10 -1.45 5.08
C LYS C 178 -6.97 -0.82 5.89
N LEU C 179 -6.87 -1.05 7.20
CA LEU C 179 -5.75 -0.48 7.97
C LEU C 179 -4.42 -1.12 7.59
N CYS C 180 -4.44 -2.46 7.30
CA CYS C 180 -3.24 -3.16 6.81
C CYS C 180 -2.85 -2.60 5.44
N LYS C 181 -3.86 -2.32 4.58
CA LYS C 181 -3.66 -1.71 3.25
C LYS C 181 -3.04 -0.30 3.43
N ILE C 182 -3.59 0.50 4.36
CA ILE C 182 -3.13 1.87 4.69
C ILE C 182 -1.74 1.94 5.38
N HIS C 183 -1.52 1.16 6.44
CA HIS C 183 -0.26 1.21 7.19
C HIS C 183 0.90 0.41 6.59
N GLN C 184 0.59 -0.62 5.78
CA GLN C 184 1.60 -1.42 5.10
C GLN C 184 1.18 -1.64 3.63
N PRO C 185 1.17 -0.59 2.77
CA PRO C 185 0.74 -0.78 1.37
C PRO C 185 1.76 -1.56 0.54
N GLU C 186 3.04 -1.52 0.97
CA GLU C 186 4.16 -2.22 0.34
C GLU C 186 3.99 -3.73 0.49
N ASN C 187 3.48 -4.18 1.68
CA ASN C 187 3.28 -5.59 2.07
C ASN C 187 1.81 -6.01 1.93
N PRO C 188 1.36 -6.53 0.75
CA PRO C 188 -0.05 -6.92 0.63
C PRO C 188 -0.42 -8.23 1.34
N GLN C 189 0.57 -8.93 1.90
CA GLN C 189 0.35 -10.19 2.63
C GLN C 189 -0.01 -9.89 4.10
N HIS C 190 0.41 -8.70 4.63
CA HIS C 190 0.25 -8.21 6.02
C HIS C 190 -1.05 -8.59 6.73
N PHE C 191 -2.23 -8.41 6.07
CA PHE C 191 -3.53 -8.74 6.66
C PHE C 191 -3.68 -10.27 6.94
N ALA C 192 -3.34 -11.11 5.95
CA ALA C 192 -3.36 -12.58 6.02
C ALA C 192 -2.39 -13.04 7.14
N CYS C 193 -1.26 -12.36 7.26
CA CYS C 193 -0.23 -12.55 8.26
C CYS C 193 -0.76 -12.35 9.70
N LEU C 194 -1.55 -11.26 9.95
CA LEU C 194 -2.18 -10.99 11.23
C LEU C 194 -3.17 -12.09 11.48
N LEU C 195 -3.92 -12.50 10.42
CA LEU C 195 -4.90 -13.58 10.59
C LEU C 195 -4.28 -14.94 10.94
N GLY C 196 -3.08 -15.21 10.44
CA GLY C 196 -2.35 -16.44 10.72
C GLY C 196 -1.83 -16.51 12.14
N ARG C 197 -1.79 -15.35 12.86
CA ARG C 197 -1.37 -15.24 14.26
C ARG C 197 -2.42 -15.85 15.16
N LEU C 198 -3.67 -15.91 14.69
CA LEU C 198 -4.81 -16.47 15.41
C LEU C 198 -4.64 -17.95 15.56
N THR C 199 -3.87 -18.57 14.65
CA THR C 199 -3.57 -19.98 14.64
C THR C 199 -2.66 -20.32 15.83
N GLU C 200 -1.58 -19.52 16.07
CA GLU C 200 -0.66 -19.72 17.19
C GLU C 200 -1.37 -19.44 18.52
N LEU C 201 -2.24 -18.42 18.53
CA LEU C 201 -3.04 -18.07 19.69
C LEU C 201 -3.88 -19.25 20.17
N ARG C 202 -4.49 -20.03 19.23
CA ARG C 202 -5.36 -21.18 19.58
C ARG C 202 -4.59 -22.28 20.32
N THR C 203 -3.28 -22.39 20.05
CA THR C 203 -2.43 -23.38 20.71
C THR C 203 -2.28 -23.08 22.20
N PHE C 204 -2.09 -21.80 22.57
CA PHE C 204 -2.00 -21.37 23.97
C PHE C 204 -3.30 -21.70 24.72
N ASN C 205 -4.44 -21.50 24.05
CA ASN C 205 -5.73 -21.78 24.62
C ASN C 205 -5.85 -23.26 24.88
N HIS C 206 -5.52 -24.10 23.87
CA HIS C 206 -5.53 -25.56 23.95
C HIS C 206 -4.82 -26.07 25.23
N HIS C 207 -3.65 -25.48 25.55
CA HIS C 207 -2.82 -25.92 26.67
C HIS C 207 -2.78 -25.00 27.90
N HIS C 208 -3.71 -24.03 28.01
CA HIS C 208 -3.73 -23.03 29.11
C HIS C 208 -3.75 -23.63 30.53
N ALA C 209 -4.68 -24.57 30.80
CA ALA C 209 -4.84 -25.25 32.09
C ALA C 209 -3.50 -25.87 32.53
N GLU C 210 -2.87 -26.65 31.62
CA GLU C 210 -1.57 -27.29 31.79
C GLU C 210 -0.45 -26.28 32.05
N MET C 211 -0.45 -25.17 31.29
CA MET C 211 0.51 -24.06 31.39
C MET C 211 0.44 -23.41 32.78
N LEU C 212 -0.80 -23.26 33.30
CA LEU C 212 -1.06 -22.66 34.60
C LEU C 212 -0.75 -23.63 35.73
N MET C 213 -1.15 -24.92 35.60
CA MET C 213 -0.90 -25.95 36.61
C MET C 213 0.58 -26.32 36.77
N SER C 214 1.40 -26.04 35.73
CA SER C 214 2.85 -26.28 35.69
C SER C 214 3.65 -25.16 36.40
N TRP C 215 3.00 -24.04 36.76
CA TRP C 215 3.66 -22.94 37.46
C TRP C 215 4.32 -23.51 38.74
N ARG C 216 5.61 -23.22 38.97
CA ARG C 216 6.41 -23.74 40.10
C ARG C 216 5.92 -23.20 41.45
N VAL C 217 4.73 -23.66 41.84
CA VAL C 217 4.03 -23.24 43.05
C VAL C 217 3.27 -24.46 43.62
N ASN C 218 3.13 -24.50 44.95
CA ASN C 218 2.42 -25.56 45.65
C ASN C 218 0.89 -25.44 45.44
N ASP C 219 0.31 -24.27 45.76
CA ASP C 219 -1.13 -24.03 45.65
C ASP C 219 -1.50 -23.17 44.44
N HIS C 220 -2.30 -23.73 43.52
CA HIS C 220 -2.75 -23.00 42.34
C HIS C 220 -4.12 -22.39 42.57
N LYS C 221 -4.16 -21.34 43.40
CA LYS C 221 -5.39 -20.64 43.76
C LYS C 221 -5.78 -19.60 42.72
N PHE C 222 -6.95 -19.83 42.12
CA PHE C 222 -7.56 -18.95 41.14
C PHE C 222 -8.75 -18.22 41.79
N THR C 223 -9.29 -17.19 41.13
CA THR C 223 -10.43 -16.42 41.63
C THR C 223 -11.70 -17.05 41.04
N PRO C 224 -12.89 -16.92 41.67
CA PRO C 224 -14.11 -17.48 41.06
C PRO C 224 -14.35 -17.09 39.58
N LEU C 225 -13.99 -15.86 39.22
CA LEU C 225 -14.14 -15.35 37.86
C LEU C 225 -13.20 -16.08 36.88
N LEU C 226 -11.96 -16.37 37.30
CA LEU C 226 -11.00 -17.12 36.48
C LEU C 226 -11.42 -18.58 36.34
N CYS C 227 -11.99 -19.18 37.40
CA CYS C 227 -12.46 -20.57 37.37
C CYS C 227 -13.54 -20.77 36.32
N GLU C 228 -14.45 -19.79 36.21
CA GLU C 228 -15.57 -19.79 35.28
C GLU C 228 -15.11 -19.71 33.81
N ILE C 229 -14.10 -18.88 33.58
CA ILE C 229 -13.53 -18.56 32.27
C ILE C 229 -12.47 -19.54 31.74
N TRP C 230 -11.57 -19.96 32.65
CA TRP C 230 -10.45 -20.83 32.33
C TRP C 230 -10.70 -22.31 32.55
N ASP C 231 -11.81 -22.69 33.20
CA ASP C 231 -12.09 -24.09 33.52
C ASP C 231 -10.89 -24.66 34.32
N VAL C 232 -10.63 -24.02 35.47
CA VAL C 232 -9.57 -24.35 36.42
C VAL C 232 -10.20 -24.54 37.81
N GLN C 233 -9.56 -25.32 38.69
CA GLN C 233 -10.02 -25.65 40.05
C GLN C 233 -11.39 -26.34 40.06
N HIS D 3 -22.33 -20.41 34.87
CA HIS D 3 -21.54 -19.24 34.48
C HIS D 3 -22.17 -17.91 34.95
N GLN D 4 -22.54 -17.88 36.24
CA GLN D 4 -23.20 -16.74 36.87
C GLN D 4 -22.46 -15.42 36.79
N LEU D 5 -21.13 -15.41 37.06
CA LEU D 5 -20.33 -14.19 37.02
C LEU D 5 -20.23 -13.63 35.59
N LEU D 6 -20.01 -14.51 34.59
CA LEU D 6 -19.96 -14.12 33.18
C LEU D 6 -21.32 -13.57 32.77
N ARG D 7 -22.41 -14.28 33.14
CA ARG D 7 -23.78 -13.85 32.91
C ARG D 7 -24.04 -12.51 33.59
N TYR D 8 -23.58 -12.36 34.84
CA TYR D 8 -23.73 -11.09 35.58
C TYR D 8 -23.07 -9.90 34.86
N LEU D 9 -21.78 -10.01 34.53
CA LEU D 9 -21.02 -8.95 33.84
C LEU D 9 -21.56 -8.62 32.45
N LEU D 10 -22.19 -9.61 31.78
CA LEU D 10 -22.77 -9.40 30.45
C LEU D 10 -24.12 -8.72 30.53
N ASP D 11 -24.95 -9.10 31.54
CA ASP D 11 -26.31 -8.59 31.73
C ASP D 11 -26.47 -7.28 32.54
N LYS D 12 -25.42 -6.85 33.26
CA LYS D 12 -25.45 -5.61 34.06
C LYS D 12 -25.46 -4.37 33.15
N ASP D 13 -25.79 -3.18 33.74
CA ASP D 13 -25.90 -1.87 33.08
C ASP D 13 -27.00 -1.86 32.03
#